data_3RH0
#
_entry.id   3RH0
#
_cell.length_a   36.350
_cell.length_b   38.760
_cell.length_c   43.860
_cell.angle_alpha   100.60
_cell.angle_beta   102.54
_cell.angle_gamma   99.94
#
_symmetry.space_group_name_H-M   'P 1'
#
loop_
_entity.id
_entity.type
_entity.pdbx_description
1 polymer 'ARSENATE REDUCTASE'
2 water water
#
_entity_poly.entity_id   1
_entity_poly.type   'polypeptide(L)'
_entity_poly.pdbx_seq_one_letter_code
;GSSHHHHHHSSGLVPRGSHMKSVLFV(OCS)VGNGGKSQMAAALAQKYASDSVEIHSAGTKPAQGLNQLSVESIAEVGAD
MSQGIPKAIDPELLRTVDRVVILGDDAQVDMPESAQGALERWSIEEPDAQGMERMRIVRDQIDNRVQALLAG
;
_entity_poly.pdbx_strand_id   A,B
#
# COMPACT_ATOMS: atom_id res chain seq x y z
N MET A 20 -9.71 8.78 -11.04
CA MET A 20 -9.50 8.17 -9.74
C MET A 20 -8.44 7.08 -9.80
N LYS A 21 -7.19 7.46 -9.57
CA LYS A 21 -6.11 6.53 -9.78
C LYS A 21 -5.40 6.20 -8.47
N SER A 22 -5.80 6.87 -7.42
CA SER A 22 -5.29 6.54 -6.10
C SER A 22 -6.33 6.86 -5.03
N VAL A 23 -6.35 6.06 -3.97
CA VAL A 23 -7.37 6.17 -2.92
C VAL A 23 -6.78 5.77 -1.58
N LEU A 24 -7.07 6.59 -0.57
CA LEU A 24 -6.71 6.27 0.79
C LEU A 24 -8.01 6.05 1.55
N PHE A 25 -8.26 4.82 1.98
CA PHE A 25 -9.45 4.54 2.80
C PHE A 25 -9.10 4.77 4.26
N VAL A 26 -9.98 5.48 4.97
CA VAL A 26 -9.73 5.89 6.33
C VAL A 26 -10.91 5.60 7.26
N OCS A 27 -10.62 5.11 8.46
CA OCS A 27 -11.57 5.17 9.55
CB OCS A 27 -12.51 3.95 9.59
SG OCS A 27 -11.74 2.39 10.10
C OCS A 27 -10.71 5.37 10.80
O OCS A 27 -9.58 5.82 10.69
OD1 OCS A 27 -10.34 2.46 9.82
OD2 OCS A 27 -11.97 2.18 11.48
OD3 OCS A 27 -12.32 1.31 9.37
N VAL A 28 -11.24 5.06 11.97
CA VAL A 28 -10.50 5.29 13.21
C VAL A 28 -9.34 4.29 13.42
N GLY A 29 -9.66 3.01 13.52
CA GLY A 29 -8.67 2.01 13.92
C GLY A 29 -7.83 1.35 12.84
N ASN A 30 -8.25 1.49 11.57
CA ASN A 30 -7.60 0.80 10.46
C ASN A 30 -7.45 -0.71 10.70
N GLY A 31 -8.43 -1.31 11.37
CA GLY A 31 -8.48 -2.74 11.56
C GLY A 31 -9.66 -3.42 10.89
N GLY A 32 -10.66 -2.63 10.49
CA GLY A 32 -11.93 -3.15 10.01
C GLY A 32 -12.37 -2.60 8.66
N LYS A 33 -13.35 -1.70 8.68
CA LYS A 33 -13.95 -1.20 7.43
C LYS A 33 -12.94 -0.71 6.40
N SER A 34 -11.97 0.10 6.82
CA SER A 34 -10.96 0.63 5.90
C SER A 34 -10.05 -0.44 5.27
N GLN A 35 -9.73 -1.47 6.04
CA GLN A 35 -8.99 -2.63 5.51
C GLN A 35 -9.86 -3.41 4.53
N MET A 36 -11.15 -3.50 4.85
CA MET A 36 -12.11 -4.22 4.02
C MET A 36 -12.27 -3.51 2.70
N ALA A 37 -12.43 -2.19 2.78
CA ALA A 37 -12.55 -1.39 1.58
C ALA A 37 -11.29 -1.54 0.73
N ALA A 38 -10.14 -1.53 1.37
CA ALA A 38 -8.86 -1.65 0.66
C ALA A 38 -8.75 -3.03 0.00
N ALA A 39 -9.22 -4.06 0.70
CA ALA A 39 -9.17 -5.42 0.17
C ALA A 39 -10.14 -5.63 -0.98
N LEU A 40 -11.34 -5.08 -0.85
CA LEU A 40 -12.32 -5.13 -1.92
C LEU A 40 -11.87 -4.32 -3.14
N ALA A 41 -11.25 -3.17 -2.91
CA ALA A 41 -10.82 -2.34 -4.02
C ALA A 41 -9.73 -3.07 -4.82
N GLN A 42 -8.79 -3.69 -4.11
CA GLN A 42 -7.71 -4.42 -4.77
C GLN A 42 -8.28 -5.52 -5.64
N LYS A 43 -9.24 -6.23 -5.07
CA LYS A 43 -9.93 -7.32 -5.75
C LYS A 43 -10.55 -6.90 -7.09
N TYR A 44 -10.92 -5.63 -7.22
CA TYR A 44 -11.59 -5.14 -8.43
C TYR A 44 -10.72 -4.25 -9.30
N ALA A 45 -9.72 -3.62 -8.71
CA ALA A 45 -8.97 -2.57 -9.41
C ALA A 45 -7.88 -3.11 -10.34
N SER A 46 -7.63 -2.36 -11.40
CA SER A 46 -6.48 -2.63 -12.26
C SER A 46 -5.23 -2.10 -11.56
N ASP A 47 -4.06 -2.47 -12.04
CA ASP A 47 -2.82 -2.05 -11.40
C ASP A 47 -2.62 -0.54 -11.48
N SER A 48 -3.43 0.13 -12.30
CA SER A 48 -3.30 1.57 -12.47
C SER A 48 -3.88 2.36 -11.27
N VAL A 49 -4.42 1.65 -10.29
CA VAL A 49 -4.98 2.30 -9.11
C VAL A 49 -4.21 1.95 -7.84
N GLU A 50 -3.61 2.96 -7.20
CA GLU A 50 -2.92 2.75 -5.94
C GLU A 50 -3.93 2.79 -4.79
N ILE A 51 -3.90 1.75 -3.98
CA ILE A 51 -4.87 1.57 -2.90
C ILE A 51 -4.16 1.54 -1.56
N HIS A 52 -4.61 2.39 -0.65
CA HIS A 52 -4.04 2.58 0.67
C HIS A 52 -5.16 2.53 1.68
N SER A 53 -4.81 2.22 2.93
CA SER A 53 -5.76 2.38 4.02
C SER A 53 -4.98 2.87 5.23
N ALA A 54 -5.67 3.60 6.10
CA ALA A 54 -5.05 4.12 7.30
C ALA A 54 -6.11 4.45 8.34
N GLY A 55 -5.67 4.72 9.57
CA GLY A 55 -6.58 5.03 10.65
C GLY A 55 -6.15 6.28 11.37
N THR A 56 -7.13 7.07 11.83
CA THR A 56 -6.85 8.28 12.59
C THR A 56 -6.35 7.93 13.99
N LYS A 57 -6.63 6.70 14.41
CA LYS A 57 -6.15 6.17 15.68
C LYS A 57 -5.92 4.67 15.55
N PRO A 58 -4.79 4.28 14.96
CA PRO A 58 -4.56 2.89 14.56
C PRO A 58 -4.69 1.90 15.70
N ALA A 59 -5.42 0.81 15.44
CA ALA A 59 -5.67 -0.24 16.41
C ALA A 59 -4.45 -1.11 16.64
N GLN A 60 -4.55 -1.98 17.63
CA GLN A 60 -3.46 -2.89 18.01
C GLN A 60 -3.36 -4.06 17.04
N GLY A 61 -4.41 -4.27 16.25
CA GLY A 61 -4.44 -5.39 15.32
C GLY A 61 -5.70 -5.38 14.47
N LEU A 62 -5.85 -6.37 13.60
CA LEU A 62 -7.01 -6.42 12.71
C LEU A 62 -8.30 -6.89 13.38
N ASN A 63 -9.44 -6.45 12.83
CA ASN A 63 -10.72 -7.02 13.21
C ASN A 63 -10.85 -8.39 12.54
N GLN A 64 -10.75 -9.47 13.31
CA GLN A 64 -10.77 -10.81 12.72
C GLN A 64 -12.13 -11.19 12.10
N LEU A 65 -13.20 -10.53 12.52
CA LEU A 65 -14.48 -10.74 11.85
C LEU A 65 -14.41 -10.12 10.47
N SER A 66 -13.84 -8.92 10.39
CA SER A 66 -13.59 -8.31 9.09
C SER A 66 -12.74 -9.22 8.23
N VAL A 67 -11.66 -9.74 8.79
CA VAL A 67 -10.78 -10.67 8.08
C VAL A 67 -11.56 -11.82 7.48
N GLU A 68 -12.36 -12.51 8.31
CA GLU A 68 -13.15 -13.64 7.83
C GLU A 68 -14.19 -13.23 6.78
N SER A 69 -14.85 -12.07 6.98
CA SER A 69 -15.86 -11.63 6.04
C SER A 69 -15.26 -11.42 4.66
N ILE A 70 -14.01 -10.96 4.64
CA ILE A 70 -13.31 -10.67 3.40
C ILE A 70 -12.89 -11.99 2.75
N ALA A 71 -12.34 -12.90 3.55
CA ALA A 71 -12.03 -14.24 3.09
C ALA A 71 -13.22 -14.94 2.44
N GLU A 72 -14.42 -14.75 3.01
CA GLU A 72 -15.62 -15.39 2.48
C GLU A 72 -15.95 -15.03 1.04
N VAL A 73 -15.56 -13.83 0.60
CA VAL A 73 -15.82 -13.42 -0.78
C VAL A 73 -14.59 -13.52 -1.67
N GLY A 74 -13.59 -14.25 -1.21
CA GLY A 74 -12.42 -14.52 -2.05
C GLY A 74 -11.46 -13.34 -2.14
N ALA A 75 -11.48 -12.48 -1.14
CA ALA A 75 -10.45 -11.45 -1.01
C ALA A 75 -9.61 -11.74 0.23
N ASP A 76 -8.64 -10.88 0.51
CA ASP A 76 -7.72 -11.14 1.63
C ASP A 76 -7.28 -9.82 2.24
N MET A 77 -7.55 -9.65 3.53
CA MET A 77 -6.99 -8.54 4.29
C MET A 77 -6.19 -9.05 5.47
N SER A 78 -5.96 -10.36 5.54
CA SER A 78 -5.34 -10.96 6.71
C SER A 78 -3.89 -10.52 6.90
N GLN A 79 -3.26 -10.08 5.82
CA GLN A 79 -1.90 -9.55 5.84
C GLN A 79 -1.88 -8.04 6.16
N GLY A 80 -3.06 -7.48 6.38
CA GLY A 80 -3.19 -6.06 6.66
C GLY A 80 -2.58 -5.64 7.98
N ILE A 81 -2.17 -4.38 8.06
CA ILE A 81 -1.51 -3.85 9.24
C ILE A 81 -2.15 -2.51 9.55
N PRO A 82 -2.68 -2.36 10.77
CA PRO A 82 -3.21 -1.06 11.18
C PRO A 82 -2.10 -0.02 11.20
N LYS A 83 -2.28 1.10 10.50
CA LYS A 83 -1.23 2.09 10.32
C LYS A 83 -1.77 3.52 10.35
N ALA A 84 -0.93 4.47 10.75
CA ALA A 84 -1.32 5.87 10.78
C ALA A 84 -1.38 6.46 9.37
N ILE A 85 -2.04 7.60 9.23
CA ILE A 85 -2.15 8.31 7.96
C ILE A 85 -0.82 8.98 7.57
N ASP A 86 -0.26 8.58 6.45
CA ASP A 86 0.95 9.22 5.92
C ASP A 86 0.56 10.56 5.31
N PRO A 87 1.20 11.64 5.77
CA PRO A 87 0.88 13.00 5.31
C PRO A 87 1.14 13.19 3.81
N GLU A 88 2.13 12.48 3.27
CA GLU A 88 2.44 12.61 1.84
C GLU A 88 1.40 11.90 0.99
N LEU A 89 0.84 10.82 1.54
CA LEU A 89 -0.25 10.11 0.86
C LEU A 89 -1.51 10.96 0.93
N LEU A 90 -1.82 11.42 2.14
CA LEU A 90 -2.99 12.28 2.35
C LEU A 90 -2.97 13.45 1.36
N ARG A 91 -1.79 14.04 1.21
CA ARG A 91 -1.61 15.24 0.40
C ARG A 91 -1.76 14.96 -1.10
N THR A 92 -1.56 13.71 -1.50
CA THR A 92 -1.40 13.42 -2.93
C THR A 92 -2.36 12.41 -3.58
N VAL A 93 -3.07 11.61 -2.79
CA VAL A 93 -4.00 10.66 -3.43
C VAL A 93 -5.16 11.42 -4.08
N ASP A 94 -5.81 10.81 -5.06
CA ASP A 94 -6.95 11.44 -5.74
C ASP A 94 -8.18 11.50 -4.84
N ARG A 95 -8.35 10.48 -4.01
CA ARG A 95 -9.53 10.38 -3.15
C ARG A 95 -9.16 9.92 -1.77
N VAL A 96 -9.61 10.65 -0.76
CA VAL A 96 -9.52 10.19 0.61
C VAL A 96 -10.94 9.81 1.01
N VAL A 97 -11.14 8.54 1.33
CA VAL A 97 -12.49 8.04 1.62
C VAL A 97 -12.62 7.59 3.06
N ILE A 98 -13.41 8.32 3.82
CA ILE A 98 -13.68 7.97 5.20
C ILE A 98 -14.87 7.03 5.25
N LEU A 99 -14.73 5.94 6.00
CA LEU A 99 -15.80 4.98 6.16
C LEU A 99 -16.45 5.22 7.50
N GLY A 100 -17.76 5.45 7.50
CA GLY A 100 -18.50 5.59 8.73
C GLY A 100 -18.55 7.03 9.22
N ASP A 101 -19.06 7.21 10.43
CA ASP A 101 -19.38 8.54 10.94
C ASP A 101 -18.29 9.14 11.83
N ASP A 102 -17.47 8.30 12.44
CA ASP A 102 -16.57 8.76 13.52
C ASP A 102 -15.29 9.45 13.07
N ALA A 103 -14.55 8.84 12.14
CA ALA A 103 -13.26 9.39 11.73
C ALA A 103 -13.35 10.80 11.15
N GLN A 104 -12.41 11.65 11.56
CA GLN A 104 -12.40 13.01 11.03
C GLN A 104 -11.06 13.24 10.35
N VAL A 105 -11.13 13.82 9.15
CA VAL A 105 -9.93 14.16 8.38
C VAL A 105 -10.09 15.54 7.78
N ASP A 106 -9.13 16.41 8.05
CA ASP A 106 -9.13 17.75 7.48
C ASP A 106 -8.12 17.83 6.34
N MET A 107 -8.62 17.84 5.11
CA MET A 107 -7.76 17.88 3.93
C MET A 107 -6.88 19.11 3.96
N PRO A 108 -5.56 18.92 3.83
CA PRO A 108 -4.67 20.08 3.80
C PRO A 108 -4.97 20.96 2.60
N GLU A 109 -4.62 22.25 2.66
CA GLU A 109 -4.80 23.14 1.52
C GLU A 109 -4.04 22.64 0.29
N SER A 110 -2.88 22.06 0.54
CA SER A 110 -2.02 21.58 -0.52
C SER A 110 -2.58 20.30 -1.16
N ALA A 111 -3.60 19.72 -0.54
CA ALA A 111 -4.10 18.43 -1.02
C ALA A 111 -4.51 18.52 -2.48
N GLN A 112 -4.09 17.53 -3.25
CA GLN A 112 -4.37 17.48 -4.68
C GLN A 112 -5.66 16.72 -4.93
N GLY A 113 -6.12 15.98 -3.94
CA GLY A 113 -7.30 15.14 -4.09
C GLY A 113 -8.54 15.72 -3.42
N ALA A 114 -9.57 14.90 -3.33
CA ALA A 114 -10.83 15.31 -2.71
C ALA A 114 -11.27 14.33 -1.61
N LEU A 115 -12.08 14.84 -0.68
CA LEU A 115 -12.56 14.01 0.44
C LEU A 115 -13.96 13.45 0.20
N GLU A 116 -14.13 12.19 0.55
CA GLU A 116 -15.45 11.54 0.55
C GLU A 116 -15.72 10.90 1.89
N ARG A 117 -17.00 10.73 2.21
CA ARG A 117 -17.39 9.99 3.39
C ARG A 117 -18.58 9.07 3.06
N TRP A 118 -18.42 7.78 3.35
CA TRP A 118 -19.46 6.80 3.09
C TRP A 118 -20.12 6.40 4.39
N SER A 119 -21.43 6.58 4.47
CA SER A 119 -22.17 6.12 5.63
C SER A 119 -22.40 4.62 5.55
N ILE A 120 -22.42 3.99 6.72
CA ILE A 120 -22.65 2.56 6.82
C ILE A 120 -23.89 2.33 7.66
N GLU A 121 -24.92 1.77 7.04
CA GLU A 121 -26.15 1.51 7.76
C GLU A 121 -25.95 0.31 8.69
N GLU A 122 -26.09 0.55 9.99
CA GLU A 122 -25.90 -0.50 10.98
C GLU A 122 -27.07 -1.49 10.95
N PRO A 123 -26.78 -2.76 10.68
CA PRO A 123 -27.86 -3.74 10.60
C PRO A 123 -28.32 -4.14 12.00
N ASP A 124 -29.54 -4.65 12.14
CA ASP A 124 -29.96 -5.15 13.45
C ASP A 124 -29.46 -6.58 13.66
N ALA A 125 -28.14 -6.71 13.60
CA ALA A 125 -27.45 -7.99 13.74
C ALA A 125 -26.09 -7.81 14.42
N GLN A 126 -25.43 -8.92 14.74
CA GLN A 126 -24.14 -8.88 15.40
C GLN A 126 -23.14 -9.84 14.77
N GLY A 127 -21.89 -9.72 15.16
CA GLY A 127 -20.84 -10.65 14.76
C GLY A 127 -20.71 -10.80 13.26
N MET A 128 -20.56 -12.05 12.80
CA MET A 128 -20.39 -12.30 11.37
C MET A 128 -21.60 -11.86 10.53
N GLU A 129 -22.82 -12.08 11.01
CA GLU A 129 -23.99 -11.65 10.26
C GLU A 129 -23.91 -10.16 9.97
N ARG A 130 -23.57 -9.39 11.00
CA ARG A 130 -23.43 -7.94 10.86
C ARG A 130 -22.30 -7.59 9.92
N MET A 131 -21.16 -8.27 10.07
CA MET A 131 -19.97 -7.90 9.31
C MET A 131 -20.15 -8.15 7.81
N ARG A 132 -20.90 -9.19 7.44
CA ARG A 132 -21.15 -9.47 6.03
C ARG A 132 -22.00 -8.35 5.42
N ILE A 133 -23.00 -7.90 6.18
CA ILE A 133 -23.85 -6.78 5.76
C ILE A 133 -23.03 -5.50 5.58
N VAL A 134 -22.11 -5.26 6.50
CA VAL A 134 -21.19 -4.14 6.37
C VAL A 134 -20.35 -4.32 5.11
N ARG A 135 -19.73 -5.50 4.98
CA ARG A 135 -18.91 -5.80 3.82
C ARG A 135 -19.64 -5.52 2.49
N ASP A 136 -20.87 -5.99 2.38
CA ASP A 136 -21.63 -5.88 1.15
C ASP A 136 -21.92 -4.41 0.80
N GLN A 137 -22.18 -3.60 1.82
CA GLN A 137 -22.36 -2.16 1.61
C GLN A 137 -21.07 -1.54 1.03
N ILE A 138 -19.96 -1.78 1.71
CA ILE A 138 -18.65 -1.33 1.27
C ILE A 138 -18.35 -1.79 -0.16
N ASP A 139 -18.65 -3.05 -0.44
CA ASP A 139 -18.50 -3.60 -1.77
C ASP A 139 -19.20 -2.76 -2.84
N ASN A 140 -20.48 -2.49 -2.63
CA ASN A 140 -21.24 -1.64 -3.54
C ASN A 140 -20.53 -0.33 -3.85
N ARG A 141 -20.09 0.34 -2.79
CA ARG A 141 -19.47 1.67 -2.93
CA ARG A 141 -19.47 1.66 -2.92
C ARG A 141 -18.13 1.60 -3.64
N VAL A 142 -17.34 0.58 -3.31
CA VAL A 142 -16.02 0.45 -3.93
C VAL A 142 -16.13 0.20 -5.43
N GLN A 143 -17.08 -0.62 -5.83
CA GLN A 143 -17.31 -0.86 -7.26
C GLN A 143 -17.70 0.44 -7.95
N ALA A 144 -18.57 1.21 -7.30
CA ALA A 144 -18.98 2.51 -7.82
C ALA A 144 -17.79 3.45 -7.93
N LEU A 145 -16.95 3.46 -6.90
CA LEU A 145 -15.79 4.34 -6.86
C LEU A 145 -14.86 4.08 -8.04
N LEU A 146 -14.60 2.80 -8.32
CA LEU A 146 -13.69 2.39 -9.39
C LEU A 146 -14.31 2.50 -10.78
N ALA A 147 -15.60 2.81 -10.82
CA ALA A 147 -16.31 2.93 -12.09
C ALA A 147 -16.30 4.36 -12.60
N MET B 20 6.19 -15.01 4.07
CA MET B 20 6.38 -13.68 3.48
C MET B 20 5.06 -13.09 2.99
N LYS B 21 4.31 -12.47 3.90
CA LYS B 21 2.99 -11.92 3.55
C LYS B 21 2.96 -10.40 3.53
N SER B 22 4.02 -9.78 4.03
CA SER B 22 4.14 -8.33 3.99
C SER B 22 5.60 -7.91 3.76
N VAL B 23 5.77 -6.84 3.01
CA VAL B 23 7.10 -6.35 2.67
C VAL B 23 7.12 -4.83 2.62
N LEU B 24 8.17 -4.25 3.18
CA LEU B 24 8.47 -2.84 3.07
C LEU B 24 9.75 -2.69 2.24
N PHE B 25 9.62 -2.16 1.03
CA PHE B 25 10.80 -1.86 0.18
C PHE B 25 11.35 -0.48 0.50
N VAL B 26 12.66 -0.41 0.74
CA VAL B 26 13.29 0.83 1.18
C VAL B 26 14.54 1.14 0.38
N OCS B 27 14.70 2.41 0.02
CA OCS B 27 16.01 2.92 -0.43
CB OCS B 27 16.17 2.81 -1.95
SG OCS B 27 15.20 3.96 -2.93
C OCS B 27 16.10 4.35 0.11
O OCS B 27 15.36 4.70 1.01
OD1 OCS B 27 14.84 3.38 -4.16
OD2 OCS B 27 15.95 5.14 -3.18
OD3 OCS B 27 14.03 4.32 -2.20
N VAL B 28 17.00 5.18 -0.42
CA VAL B 28 17.13 6.54 0.09
C VAL B 28 15.94 7.44 -0.26
N GLY B 29 15.73 7.70 -1.55
CA GLY B 29 14.75 8.68 -1.98
C GLY B 29 13.29 8.24 -2.14
N ASN B 30 13.06 6.92 -2.18
CA ASN B 30 11.75 6.37 -2.49
C ASN B 30 11.09 7.00 -3.73
N GLY B 31 11.91 7.28 -4.73
CA GLY B 31 11.41 7.75 -6.01
C GLY B 31 11.67 6.74 -7.11
N GLY B 32 12.67 5.89 -6.90
CA GLY B 32 13.15 4.98 -7.92
C GLY B 32 13.02 3.48 -7.62
N LYS B 33 14.11 2.87 -7.18
CA LYS B 33 14.19 1.41 -7.03
C LYS B 33 13.09 0.80 -6.13
N SER B 34 12.84 1.43 -4.99
CA SER B 34 11.85 0.91 -4.05
C SER B 34 10.41 1.00 -4.59
N GLN B 35 10.12 2.07 -5.33
CA GLN B 35 8.84 2.18 -6.05
C GLN B 35 8.73 1.10 -7.10
N MET B 36 9.81 0.87 -7.84
CA MET B 36 9.79 -0.16 -8.86
C MET B 36 9.56 -1.53 -8.24
N ALA B 37 10.24 -1.81 -7.14
CA ALA B 37 10.16 -3.11 -6.52
C ALA B 37 8.72 -3.32 -6.00
N ALA B 38 8.15 -2.27 -5.41
CA ALA B 38 6.76 -2.37 -4.93
C ALA B 38 5.80 -2.58 -6.10
N ALA B 39 5.97 -1.83 -7.18
CA ALA B 39 5.11 -1.97 -8.35
C ALA B 39 5.24 -3.37 -8.98
N LEU B 40 6.46 -3.88 -9.05
CA LEU B 40 6.66 -5.22 -9.58
C LEU B 40 6.00 -6.27 -8.68
N ALA B 41 6.12 -6.10 -7.36
CA ALA B 41 5.50 -7.02 -6.42
C ALA B 41 3.98 -6.94 -6.46
N GLN B 42 3.43 -5.75 -6.67
CA GLN B 42 1.99 -5.57 -6.79
C GLN B 42 1.52 -6.31 -8.02
N LYS B 43 2.30 -6.18 -9.08
CA LYS B 43 2.08 -6.89 -10.33
C LYS B 43 1.87 -8.38 -10.08
N TYR B 44 2.74 -8.96 -9.30
CA TYR B 44 2.68 -10.40 -9.09
C TYR B 44 1.86 -10.86 -7.90
N ALA B 45 1.51 -9.96 -7.00
CA ALA B 45 0.97 -10.36 -5.71
C ALA B 45 0.10 -9.34 -4.94
N SER B 46 -0.50 -8.37 -5.62
CA SER B 46 -1.25 -7.33 -4.93
C SER B 46 -2.32 -7.86 -3.95
N ASP B 47 -2.91 -9.00 -4.28
CA ASP B 47 -4.09 -9.45 -3.54
C ASP B 47 -3.79 -10.27 -2.28
N SER B 48 -2.62 -10.89 -2.22
CA SER B 48 -2.28 -11.69 -1.03
C SER B 48 -1.15 -11.09 -0.20
N VAL B 49 -0.39 -10.15 -0.78
CA VAL B 49 0.73 -9.58 -0.06
C VAL B 49 0.56 -8.09 0.24
N GLU B 50 0.94 -7.70 1.45
CA GLU B 50 0.84 -6.32 1.87
C GLU B 50 2.14 -5.63 1.48
N ILE B 51 2.03 -4.70 0.56
CA ILE B 51 3.22 -4.15 -0.09
C ILE B 51 3.31 -2.65 0.17
N HIS B 52 4.43 -2.25 0.75
CA HIS B 52 4.74 -0.85 1.02
C HIS B 52 6.11 -0.47 0.51
N SER B 53 6.34 0.82 0.35
CA SER B 53 7.67 1.32 0.06
C SER B 53 7.87 2.63 0.80
N ALA B 54 9.12 2.98 1.08
CA ALA B 54 9.46 4.22 1.77
C ALA B 54 10.93 4.56 1.55
N GLY B 55 11.33 5.74 2.02
CA GLY B 55 12.68 6.24 1.79
C GLY B 55 13.25 6.81 3.06
N THR B 56 14.55 6.60 3.27
CA THR B 56 15.24 7.13 4.43
C THR B 56 15.39 8.65 4.35
N LYS B 57 15.44 9.15 3.12
CA LYS B 57 15.48 10.58 2.84
C LYS B 57 14.66 10.88 1.59
N PRO B 58 13.32 10.86 1.69
CA PRO B 58 12.46 10.92 0.51
C PRO B 58 12.75 12.08 -0.47
N ALA B 59 12.74 11.78 -1.75
CA ALA B 59 13.03 12.79 -2.78
C ALA B 59 11.83 13.69 -2.99
N GLN B 60 11.98 14.71 -3.83
CA GLN B 60 10.90 15.67 -4.03
C GLN B 60 9.88 15.25 -5.08
N GLY B 61 10.05 14.04 -5.62
CA GLY B 61 9.10 13.48 -6.57
C GLY B 61 9.53 12.10 -7.05
N LEU B 62 8.69 11.48 -7.88
CA LEU B 62 9.04 10.17 -8.42
C LEU B 62 10.12 10.32 -9.49
N ASN B 63 10.96 9.30 -9.61
CA ASN B 63 11.90 9.23 -10.70
C ASN B 63 11.13 8.86 -11.96
N GLN B 64 10.98 9.80 -12.89
CA GLN B 64 10.14 9.54 -14.06
C GLN B 64 10.73 8.52 -15.04
N LEU B 65 12.04 8.33 -15.01
CA LEU B 65 12.67 7.22 -15.73
C LEU B 65 12.22 5.88 -15.16
N SER B 66 12.23 5.77 -13.83
CA SER B 66 11.63 4.61 -13.19
C SER B 66 10.19 4.36 -13.61
N VAL B 67 9.36 5.41 -13.55
CA VAL B 67 7.95 5.28 -13.91
C VAL B 67 7.81 4.70 -15.31
N GLU B 68 8.60 5.22 -16.24
CA GLU B 68 8.52 4.79 -17.63
C GLU B 68 9.00 3.35 -17.80
N SER B 69 10.07 2.99 -17.10
CA SER B 69 10.56 1.62 -17.20
C SER B 69 9.51 0.66 -16.68
N ILE B 70 8.79 1.07 -15.64
CA ILE B 70 7.73 0.23 -15.09
C ILE B 70 6.56 0.09 -16.08
N ALA B 71 6.13 1.21 -16.68
CA ALA B 71 5.10 1.18 -17.69
C ALA B 71 5.45 0.24 -18.86
N GLU B 72 6.73 0.19 -19.23
CA GLU B 72 7.14 -0.61 -20.38
C GLU B 72 6.79 -2.09 -20.20
N VAL B 73 6.89 -2.56 -18.96
CA VAL B 73 6.65 -3.98 -18.67
C VAL B 73 5.22 -4.29 -18.21
N GLY B 74 4.32 -3.31 -18.31
CA GLY B 74 2.92 -3.53 -18.03
C GLY B 74 2.52 -3.34 -16.58
N ALA B 75 3.42 -2.80 -15.77
CA ALA B 75 3.13 -2.51 -14.37
C ALA B 75 2.88 -1.01 -14.23
N ASP B 76 2.65 -0.54 -13.02
CA ASP B 76 2.35 0.88 -12.83
C ASP B 76 2.83 1.40 -11.47
N MET B 77 3.72 2.38 -11.51
CA MET B 77 4.13 3.08 -10.29
C MET B 77 3.86 4.57 -10.42
N SER B 78 3.10 4.96 -11.45
CA SER B 78 2.94 6.37 -11.77
C SER B 78 2.15 7.14 -10.73
N GLN B 79 1.37 6.43 -9.91
CA GLN B 79 0.57 7.06 -8.87
C GLN B 79 1.22 6.99 -7.50
N GLY B 80 2.47 6.53 -7.45
CA GLY B 80 3.17 6.47 -6.18
C GLY B 80 3.63 7.85 -5.75
N ILE B 81 4.17 7.93 -4.53
CA ILE B 81 4.74 9.18 -4.05
C ILE B 81 5.84 8.83 -3.05
N PRO B 82 6.93 9.61 -3.04
CA PRO B 82 7.96 9.32 -2.03
C PRO B 82 7.39 9.62 -0.65
N LYS B 83 7.68 8.75 0.30
CA LYS B 83 7.12 8.89 1.63
C LYS B 83 8.11 8.36 2.65
N ALA B 84 7.98 8.83 3.88
CA ALA B 84 8.87 8.43 4.97
C ALA B 84 8.53 7.04 5.50
N ILE B 85 9.50 6.43 6.17
CA ILE B 85 9.29 5.13 6.80
C ILE B 85 8.35 5.25 7.99
N ASP B 86 7.29 4.45 7.96
CA ASP B 86 6.36 4.34 9.07
C ASP B 86 6.98 3.35 10.07
N PRO B 87 7.19 3.80 11.32
CA PRO B 87 7.90 3.00 12.33
C PRO B 87 7.17 1.69 12.66
N GLU B 88 5.85 1.71 12.55
CA GLU B 88 5.06 0.51 12.84
C GLU B 88 5.04 -0.48 11.69
N LEU B 89 4.99 0.03 10.47
CA LEU B 89 5.14 -0.82 9.30
C LEU B 89 6.50 -1.49 9.39
N LEU B 90 7.52 -0.70 9.72
CA LEU B 90 8.88 -1.20 9.83
C LEU B 90 8.99 -2.36 10.83
N ARG B 91 8.21 -2.28 11.91
CA ARG B 91 8.29 -3.26 13.00
C ARG B 91 7.31 -4.43 12.82
N THR B 92 6.49 -4.38 11.79
CA THR B 92 5.44 -5.37 11.61
C THR B 92 5.54 -6.22 10.33
N VAL B 93 6.06 -5.65 9.25
CA VAL B 93 6.19 -6.42 8.01
C VAL B 93 7.12 -7.63 8.20
N ASP B 94 6.89 -8.68 7.40
CA ASP B 94 7.72 -9.89 7.48
C ASP B 94 9.12 -9.61 6.96
N ARG B 95 9.21 -8.81 5.90
CA ARG B 95 10.51 -8.47 5.32
C ARG B 95 10.64 -6.98 5.07
N VAL B 96 11.76 -6.43 5.50
CA VAL B 96 12.15 -5.07 5.11
C VAL B 96 13.29 -5.29 4.12
N VAL B 97 13.08 -4.82 2.89
CA VAL B 97 14.04 -5.05 1.83
C VAL B 97 14.66 -3.73 1.39
N ILE B 98 15.93 -3.53 1.74
CA ILE B 98 16.68 -2.37 1.28
C ILE B 98 17.20 -2.63 -0.12
N LEU B 99 17.02 -1.66 -1.01
CA LEU B 99 17.58 -1.75 -2.35
C LEU B 99 18.76 -0.81 -2.53
N GLY B 100 19.90 -1.36 -2.94
CA GLY B 100 21.08 -0.56 -3.20
C GLY B 100 22.01 -0.50 -2.01
N ASP B 101 23.13 0.16 -2.20
CA ASP B 101 24.22 0.17 -1.22
C ASP B 101 24.08 1.32 -0.22
N ASP B 102 23.30 2.34 -0.59
CA ASP B 102 23.32 3.61 0.13
C ASP B 102 22.41 3.70 1.37
N ALA B 103 21.16 3.29 1.25
CA ALA B 103 20.22 3.41 2.36
C ALA B 103 20.62 2.58 3.58
N GLN B 104 20.60 3.20 4.75
CA GLN B 104 20.90 2.49 5.99
C GLN B 104 19.66 2.41 6.87
N VAL B 105 19.30 1.18 7.24
CA VAL B 105 18.20 0.93 8.16
C VAL B 105 18.60 -0.12 9.17
N ASP B 106 18.60 0.25 10.45
CA ASP B 106 18.81 -0.72 11.50
C ASP B 106 17.45 -1.24 11.99
N MET B 107 17.26 -2.55 11.89
CA MET B 107 16.03 -3.18 12.35
C MET B 107 15.89 -3.00 13.84
N PRO B 108 14.79 -2.38 14.28
CA PRO B 108 14.63 -2.27 15.72
C PRO B 108 14.62 -3.66 16.31
N GLU B 109 15.15 -3.77 17.52
CA GLU B 109 15.13 -5.03 18.25
C GLU B 109 13.71 -5.59 18.34
N SER B 110 12.71 -4.71 18.42
CA SER B 110 11.32 -5.15 18.57
C SER B 110 10.63 -5.45 17.24
N ALA B 111 11.35 -5.35 16.14
CA ALA B 111 10.76 -5.65 14.83
C ALA B 111 10.45 -7.13 14.72
N GLN B 112 9.33 -7.45 14.07
CA GLN B 112 8.83 -8.81 13.93
C GLN B 112 9.48 -9.53 12.75
N GLY B 113 9.82 -8.76 11.72
CA GLY B 113 10.30 -9.31 10.47
C GLY B 113 11.82 -9.38 10.41
N ALA B 114 12.33 -9.54 9.21
CA ALA B 114 13.76 -9.72 8.97
C ALA B 114 14.22 -8.76 7.90
N LEU B 115 15.49 -8.38 7.97
CA LEU B 115 16.07 -7.45 7.02
C LEU B 115 16.76 -8.16 5.86
N GLU B 116 16.58 -7.60 4.67
CA GLU B 116 17.32 -7.99 3.48
C GLU B 116 17.91 -6.76 2.82
N ARG B 117 19.04 -6.95 2.14
CA ARG B 117 19.59 -5.90 1.29
C ARG B 117 19.94 -6.50 -0.06
N TRP B 118 19.40 -5.89 -1.11
CA TRP B 118 19.62 -6.35 -2.46
C TRP B 118 20.61 -5.44 -3.13
N SER B 119 21.71 -5.99 -3.62
CA SER B 119 22.67 -5.18 -4.36
C SER B 119 22.20 -5.01 -5.80
N ILE B 120 22.53 -3.86 -6.39
CA ILE B 120 22.19 -3.60 -7.77
C ILE B 120 23.50 -3.40 -8.53
N GLU B 121 23.75 -4.26 -9.50
CA GLU B 121 24.92 -4.11 -10.34
C GLU B 121 24.71 -2.94 -11.29
N GLU B 122 25.55 -1.91 -11.16
CA GLU B 122 25.44 -0.73 -12.00
C GLU B 122 25.97 -1.03 -13.39
N PRO B 123 25.14 -0.81 -14.42
CA PRO B 123 25.58 -1.02 -15.80
C PRO B 123 26.39 0.16 -16.32
N ASP B 124 27.11 -0.03 -17.41
CA ASP B 124 27.84 1.06 -18.04
C ASP B 124 26.86 2.11 -18.55
N ALA B 125 25.64 1.67 -18.83
CA ALA B 125 24.60 2.55 -19.38
C ALA B 125 24.20 3.69 -18.44
N GLN B 126 23.51 4.68 -18.98
CA GLN B 126 23.02 5.80 -18.19
C GLN B 126 21.54 6.02 -18.51
N GLY B 127 20.90 6.88 -17.74
CA GLY B 127 19.52 7.29 -18.00
C GLY B 127 18.54 6.13 -18.11
N MET B 128 17.70 6.18 -19.12
CA MET B 128 16.61 5.23 -19.29
C MET B 128 17.12 3.79 -19.49
N GLU B 129 18.18 3.62 -20.25
CA GLU B 129 18.71 2.28 -20.48
C GLU B 129 19.28 1.66 -19.20
N ARG B 130 19.93 2.48 -18.39
CA ARG B 130 20.36 2.06 -17.06
C ARG B 130 19.15 1.66 -16.23
N MET B 131 18.09 2.48 -16.27
CA MET B 131 16.91 2.20 -15.47
C MET B 131 16.26 0.86 -15.84
N ARG B 132 16.27 0.50 -17.12
CA ARG B 132 15.69 -0.76 -17.57
C ARG B 132 16.47 -1.95 -17.03
N ILE B 133 17.78 -1.85 -17.09
CA ILE B 133 18.66 -2.89 -16.59
C ILE B 133 18.44 -3.07 -15.09
N VAL B 134 18.39 -1.96 -14.37
CA VAL B 134 18.11 -1.99 -12.94
C VAL B 134 16.75 -2.62 -12.67
N ARG B 135 15.75 -2.23 -13.47
CA ARG B 135 14.38 -2.71 -13.30
C ARG B 135 14.35 -4.23 -13.35
N ASP B 136 15.01 -4.78 -14.35
CA ASP B 136 14.95 -6.22 -14.60
C ASP B 136 15.71 -7.02 -13.55
N GLN B 137 16.75 -6.44 -12.97
CA GLN B 137 17.39 -7.07 -11.81
C GLN B 137 16.39 -7.16 -10.66
N ILE B 138 15.71 -6.05 -10.39
CA ILE B 138 14.75 -6.01 -9.31
C ILE B 138 13.62 -7.00 -9.55
N ASP B 139 13.17 -7.08 -10.81
CA ASP B 139 12.09 -7.98 -11.19
C ASP B 139 12.39 -9.43 -10.77
N ASN B 140 13.60 -9.90 -11.03
CA ASN B 140 13.98 -11.26 -10.65
C ASN B 140 14.00 -11.43 -9.13
N ARG B 141 14.55 -10.43 -8.43
CA ARG B 141 14.62 -10.52 -6.99
C ARG B 141 13.24 -10.53 -6.35
N VAL B 142 12.35 -9.68 -6.87
CA VAL B 142 10.96 -9.66 -6.36
C VAL B 142 10.26 -11.00 -6.57
N GLN B 143 10.36 -11.56 -7.77
CA GLN B 143 9.73 -12.86 -8.02
C GLN B 143 10.24 -13.93 -7.06
N ALA B 144 11.54 -13.90 -6.80
CA ALA B 144 12.16 -14.86 -5.87
C ALA B 144 11.66 -14.64 -4.45
N LEU B 145 11.50 -13.38 -4.06
CA LEU B 145 11.03 -13.03 -2.74
C LEU B 145 9.61 -13.55 -2.53
N LEU B 146 8.79 -13.45 -3.57
CA LEU B 146 7.41 -13.89 -3.51
C LEU B 146 7.29 -15.41 -3.61
N ALA B 147 8.36 -16.06 -4.02
CA ALA B 147 8.39 -17.51 -4.16
C ALA B 147 8.66 -18.19 -2.82
N GLY B 148 9.52 -17.58 -2.01
CA GLY B 148 9.80 -18.09 -0.68
C GLY B 148 11.27 -18.31 -0.39
#